data_1ZP7
#
_entry.id   1ZP7
#
_cell.length_a   74.340
_cell.length_b   74.340
_cell.length_c   153.466
_cell.angle_alpha   90.00
_cell.angle_beta   90.00
_cell.angle_gamma   120.00
#
_symmetry.space_group_name_H-M   'P 65'
#
loop_
_entity.id
_entity.type
_entity.pdbx_description
1 polymer 'Recombination protein U'
2 water water
#
_entity_poly.entity_id   1
_entity_poly.type   'polypeptide(L)'
_entity_poly.pdbx_seq_one_letter_code
;MIRYPNGKTFQPKHSVSSQNSQKRAPSYSNRGMTLEDDLNETNKYYLTNQIAVIHKKPTPVQIVNVHYPKRSAAVIKEAY
FKQSSTTDYNGIYKGRYIDFEAKETKNKTSFPLQNFHDHQIEHMKQVKAQDGICFVIISAFDQVYFLEADKLFYFWDRKE
KNGRKSIRKDELEETAYPISLGYAPRIDYISIIEQLYFSPSSGAKG
;
_entity_poly.pdbx_strand_id   A,B
#
# COMPACT_ATOMS: atom_id res chain seq x y z
N THR A 34 -11.73 -12.82 -16.37
CA THR A 34 -11.29 -12.61 -14.93
C THR A 34 -10.70 -11.22 -14.63
N LEU A 35 -11.36 -10.54 -13.71
CA LEU A 35 -11.05 -9.21 -13.29
C LEU A 35 -9.64 -9.06 -12.68
N GLU A 36 -9.23 -10.02 -11.85
CA GLU A 36 -7.90 -10.03 -11.27
C GLU A 36 -6.78 -10.01 -12.31
N ASP A 37 -6.89 -10.87 -13.34
CA ASP A 37 -5.98 -10.84 -14.50
C ASP A 37 -6.04 -9.53 -15.26
N ASP A 38 -7.25 -9.03 -15.48
CA ASP A 38 -7.41 -7.78 -16.18
C ASP A 38 -6.77 -6.60 -15.43
N LEU A 39 -6.89 -6.59 -14.11
CA LEU A 39 -6.30 -5.57 -13.24
C LEU A 39 -4.78 -5.69 -13.13
N ASN A 40 -4.26 -6.91 -13.11
CA ASN A 40 -2.83 -7.15 -13.08
C ASN A 40 -2.16 -6.57 -14.33
N GLU A 41 -2.74 -6.84 -15.49
CA GLU A 41 -2.32 -6.30 -16.75
C GLU A 41 -2.51 -4.79 -16.80
N THR A 42 -3.58 -4.31 -16.19
CA THR A 42 -3.86 -2.88 -16.13
C THR A 42 -2.77 -2.16 -15.32
N ASN A 43 -2.49 -2.71 -14.15
CA ASN A 43 -1.55 -2.13 -13.21
C ASN A 43 -0.10 -2.21 -13.72
N LYS A 44 0.23 -3.32 -14.38
CA LYS A 44 1.47 -3.46 -15.14
C LYS A 44 1.62 -2.38 -16.20
N TYR A 45 0.58 -2.20 -17.02
CA TYR A 45 0.56 -1.13 -17.99
C TYR A 45 0.84 0.25 -17.37
N TYR A 46 0.12 0.59 -16.30
CA TYR A 46 0.31 1.88 -15.62
C TYR A 46 1.73 2.01 -15.10
N LEU A 47 2.27 0.93 -14.55
CA LEU A 47 3.64 0.91 -14.06
C LEU A 47 4.66 1.18 -15.19
N THR A 48 4.64 0.34 -16.23
CA THR A 48 5.63 0.45 -17.32
C THR A 48 5.52 1.75 -18.12
N ASN A 49 4.40 2.44 -18.01
CA ASN A 49 4.21 3.71 -18.71
C ASN A 49 4.32 4.88 -17.74
N GLN A 50 4.70 4.59 -16.50
CA GLN A 50 4.93 5.61 -15.45
C GLN A 50 3.72 6.45 -15.15
N ILE A 51 2.54 5.87 -15.31
CA ILE A 51 1.29 6.58 -15.00
C ILE A 51 0.96 6.53 -13.48
N ALA A 52 1.11 5.36 -12.87
CA ALA A 52 0.84 5.18 -11.46
C ALA A 52 1.61 3.96 -11.01
N VAL A 53 1.77 3.83 -9.70
CA VAL A 53 2.47 2.70 -9.10
C VAL A 53 1.51 2.00 -8.10
N ILE A 54 0.77 1.01 -8.61
CA ILE A 54 -0.31 0.36 -7.87
C ILE A 54 -0.07 -1.14 -7.95
N HIS A 55 -0.14 -1.81 -6.82
CA HIS A 55 0.09 -3.25 -6.74
C HIS A 55 -1.01 -3.98 -5.96
N LYS A 56 -1.29 -5.21 -6.34
CA LYS A 56 -2.10 -6.07 -5.50
C LYS A 56 -1.26 -6.62 -4.33
N LYS A 57 -1.80 -6.53 -3.13
CA LYS A 57 -1.18 -7.13 -1.97
C LYS A 57 -1.29 -8.66 -2.05
N PRO A 58 -0.17 -9.38 -1.81
CA PRO A 58 -0.16 -10.84 -1.74
C PRO A 58 -1.19 -11.37 -0.73
N THR A 59 -1.65 -12.60 -0.95
CA THR A 59 -2.55 -13.25 0.01
C THR A 59 -1.81 -13.53 1.31
N PRO A 60 -2.35 -13.06 2.46
CA PRO A 60 -1.70 -13.39 3.72
C PRO A 60 -1.83 -14.89 4.02
N VAL A 61 -0.73 -15.49 4.46
CA VAL A 61 -0.69 -16.90 4.86
C VAL A 61 -0.20 -17.03 6.31
N GLN A 62 0.35 -18.18 6.68
CA GLN A 62 0.90 -18.37 8.04
C GLN A 62 2.11 -19.31 8.17
N ILE A 63 2.41 -19.64 9.43
CA ILE A 63 3.53 -20.51 9.81
C ILE A 63 2.94 -21.52 10.80
N VAL A 64 3.31 -22.81 10.76
CA VAL A 64 4.24 -23.41 9.78
C VAL A 64 3.50 -24.52 9.02
N ASN A 65 4.09 -24.97 7.92
CA ASN A 65 3.64 -26.19 7.22
C ASN A 65 4.78 -27.20 7.17
N ALA A 79 1.20 -23.79 7.24
CA ALA A 79 0.89 -22.52 6.60
C ALA A 79 -0.56 -22.53 6.16
N TYR A 80 -1.36 -21.67 6.78
CA TYR A 80 -2.78 -21.57 6.51
C TYR A 80 -3.12 -20.20 5.91
N PHE A 81 -4.27 -20.11 5.24
CA PHE A 81 -4.78 -18.82 4.78
C PHE A 81 -5.36 -18.01 5.93
N LYS A 82 -4.82 -16.80 6.12
CA LYS A 82 -5.47 -15.78 6.92
C LYS A 82 -6.27 -14.93 5.95
N GLN A 83 -7.14 -14.07 6.45
CA GLN A 83 -8.06 -13.36 5.57
C GLN A 83 -7.52 -12.04 4.99
N SER A 84 -6.86 -11.25 5.84
CA SER A 84 -6.48 -9.83 5.60
C SER A 84 -7.41 -9.03 6.50
N SER A 85 -7.06 -7.78 6.73
CA SER A 85 -7.88 -6.87 7.52
C SER A 85 -7.96 -5.64 6.64
N THR A 86 -7.48 -5.80 5.41
CA THR A 86 -7.19 -4.70 4.49
C THR A 86 -7.74 -5.04 3.09
N THR A 87 -7.99 -4.03 2.26
CA THR A 87 -8.30 -4.22 0.83
C THR A 87 -7.04 -4.65 0.07
N ASP A 88 -7.21 -5.32 -1.08
CA ASP A 88 -6.07 -5.84 -1.84
C ASP A 88 -5.19 -4.86 -2.64
N TYR A 89 -5.73 -3.71 -3.07
CA TYR A 89 -4.96 -2.90 -4.01
C TYR A 89 -4.67 -1.55 -3.43
N ASN A 90 -3.41 -1.15 -3.44
CA ASN A 90 -3.09 0.24 -3.14
C ASN A 90 -1.87 0.75 -3.89
N GLY A 91 -1.69 2.06 -3.84
CA GLY A 91 -0.51 2.65 -4.45
C GLY A 91 -0.64 4.14 -4.58
N ILE A 92 0.06 4.68 -5.57
CA ILE A 92 0.18 6.14 -5.67
C ILE A 92 -0.11 6.62 -7.07
N TYR A 93 -0.90 7.70 -7.15
CA TYR A 93 -1.10 8.44 -8.37
C TYR A 93 -0.99 9.92 -8.03
N LYS A 94 -0.05 10.63 -8.68
CA LYS A 94 0.07 12.09 -8.52
C LYS A 94 0.11 12.54 -7.07
N GLY A 95 0.98 11.90 -6.28
CA GLY A 95 1.07 12.20 -4.85
C GLY A 95 -0.18 11.94 -4.03
N ARG A 96 -1.09 11.10 -4.54
CA ARG A 96 -2.21 10.68 -3.70
C ARG A 96 -2.18 9.20 -3.46
N TYR A 97 -2.64 8.82 -2.25
CA TYR A 97 -2.82 7.44 -1.86
C TYR A 97 -4.07 6.84 -2.52
N ILE A 98 -3.90 5.73 -3.23
CA ILE A 98 -4.99 5.05 -3.95
C ILE A 98 -5.23 3.70 -3.34
N ASP A 99 -6.48 3.35 -3.08
CA ASP A 99 -6.80 2.12 -2.35
C ASP A 99 -8.11 1.54 -2.88
N PHE A 100 -8.11 0.28 -3.28
CA PHE A 100 -9.37 -0.33 -3.70
C PHE A 100 -9.44 -1.84 -3.55
N GLU A 101 -10.67 -2.34 -3.61
CA GLU A 101 -10.92 -3.77 -3.72
C GLU A 101 -11.63 -4.03 -5.04
N ALA A 102 -11.50 -5.24 -5.57
CA ALA A 102 -12.06 -5.58 -6.86
C ALA A 102 -12.79 -6.92 -6.80
N LYS A 103 -14.09 -6.91 -7.15
CA LYS A 103 -14.90 -8.15 -7.12
C LYS A 103 -15.70 -8.34 -8.41
N GLU A 104 -15.87 -9.58 -8.82
CA GLU A 104 -16.76 -9.89 -9.94
C GLU A 104 -17.88 -10.84 -9.56
N THR A 105 -18.96 -10.76 -10.31
CA THR A 105 -20.07 -11.68 -10.18
C THR A 105 -20.58 -12.10 -11.56
N LYS A 106 -21.03 -13.35 -11.65
CA LYS A 106 -21.72 -13.87 -12.85
C LYS A 106 -23.24 -13.63 -12.77
N ASN A 107 -23.70 -13.23 -11.59
CA ASN A 107 -25.10 -12.89 -11.36
C ASN A 107 -25.68 -11.79 -12.27
N LYS A 108 -26.72 -12.12 -13.02
CA LYS A 108 -27.37 -11.18 -13.94
C LYS A 108 -28.28 -10.18 -13.25
N THR A 109 -28.61 -10.39 -11.98
CA THR A 109 -29.59 -9.50 -11.33
C THR A 109 -29.07 -8.57 -10.24
N SER A 110 -28.14 -9.04 -9.43
CA SER A 110 -27.64 -8.22 -8.34
C SER A 110 -26.23 -8.64 -7.89
N PHE A 111 -25.55 -7.75 -7.18
CA PHE A 111 -24.20 -8.03 -6.66
C PHE A 111 -24.25 -8.36 -5.18
N PRO A 112 -23.98 -9.64 -4.84
CA PRO A 112 -23.95 -10.13 -3.46
C PRO A 112 -22.87 -9.40 -2.65
N LEU A 113 -23.28 -8.68 -1.61
CA LEU A 113 -22.37 -7.92 -0.78
C LEU A 113 -21.42 -8.77 0.09
N GLN A 114 -21.75 -10.04 0.28
CA GLN A 114 -20.90 -11.00 0.99
C GLN A 114 -19.62 -11.28 0.21
N ASN A 115 -19.48 -10.60 -0.93
CA ASN A 115 -18.27 -10.65 -1.72
C ASN A 115 -17.19 -9.86 -0.99
N PHE A 116 -17.62 -8.91 -0.16
CA PHE A 116 -16.74 -8.19 0.75
C PHE A 116 -16.90 -8.73 2.19
N HIS A 117 -15.90 -8.46 3.04
CA HIS A 117 -16.04 -8.69 4.47
C HIS A 117 -15.85 -7.40 5.28
N ASP A 118 -16.33 -7.39 6.53
CA ASP A 118 -16.37 -6.18 7.40
C ASP A 118 -15.00 -5.51 7.64
N HIS A 119 -13.93 -6.31 7.68
CA HIS A 119 -12.56 -5.81 7.82
C HIS A 119 -12.21 -4.82 6.70
N GLN A 120 -12.36 -5.27 5.44
CA GLN A 120 -12.25 -4.44 4.24
C GLN A 120 -13.02 -3.12 4.33
N ILE A 121 -14.27 -3.19 4.79
CA ILE A 121 -15.11 -2.00 4.92
C ILE A 121 -14.59 -1.05 5.99
N GLU A 122 -14.23 -1.63 7.14
CA GLU A 122 -13.56 -0.86 8.20
C GLU A 122 -12.27 -0.17 7.72
N HIS A 123 -11.39 -0.93 7.06
CA HIS A 123 -10.19 -0.35 6.47
C HIS A 123 -10.51 0.87 5.57
N MET A 124 -11.47 0.68 4.66
CA MET A 124 -11.90 1.75 3.73
C MET A 124 -12.30 3.03 4.43
N LYS A 125 -13.09 2.92 5.50
CA LYS A 125 -13.52 4.10 6.26
C LYS A 125 -12.34 4.78 6.94
N GLN A 126 -11.37 3.99 7.38
CA GLN A 126 -10.13 4.56 7.94
C GLN A 126 -9.30 5.31 6.86
N VAL A 127 -9.28 4.78 5.64
CA VAL A 127 -8.56 5.46 4.55
C VAL A 127 -9.27 6.76 4.15
N LYS A 128 -10.60 6.70 4.03
CA LYS A 128 -11.43 7.90 3.81
C LYS A 128 -11.18 8.99 4.85
N ALA A 129 -11.14 8.62 6.14
CA ALA A 129 -10.81 9.55 7.23
C ALA A 129 -9.45 10.25 7.07
N GLN A 130 -8.52 9.62 6.35
CA GLN A 130 -7.24 10.25 6.01
C GLN A 130 -7.19 10.94 4.65
N ASP A 131 -8.35 11.18 4.02
CA ASP A 131 -8.40 11.85 2.71
C ASP A 131 -7.79 11.00 1.57
N GLY A 132 -7.94 9.68 1.67
CA GLY A 132 -7.47 8.78 0.61
C GLY A 132 -8.45 8.66 -0.54
N ILE A 133 -7.94 8.31 -1.73
CA ILE A 133 -8.82 7.98 -2.87
C ILE A 133 -9.15 6.51 -2.77
N CYS A 134 -10.40 6.20 -2.41
CA CYS A 134 -10.78 4.85 -2.01
C CYS A 134 -12.13 4.40 -2.59
N PHE A 135 -12.19 3.18 -3.10
CA PHE A 135 -13.33 2.76 -3.90
C PHE A 135 -13.27 1.27 -4.13
N VAL A 136 -14.30 0.73 -4.77
CA VAL A 136 -14.23 -0.66 -5.26
C VAL A 136 -14.47 -0.71 -6.76
N ILE A 137 -13.93 -1.75 -7.38
CA ILE A 137 -14.17 -2.02 -8.78
C ILE A 137 -15.04 -3.30 -8.82
N ILE A 138 -16.24 -3.19 -9.41
CA ILE A 138 -17.14 -4.34 -9.56
C ILE A 138 -17.34 -4.71 -11.04
N SER A 139 -16.95 -5.92 -11.40
CA SER A 139 -17.29 -6.47 -12.70
C SER A 139 -18.60 -7.23 -12.59
N ALA A 140 -19.64 -6.69 -13.21
CA ALA A 140 -21.00 -7.22 -13.14
C ALA A 140 -21.78 -6.71 -14.32
N PHE A 141 -22.73 -7.53 -14.78
CA PHE A 141 -23.74 -7.12 -15.77
C PHE A 141 -23.08 -6.64 -17.06
N ASP A 142 -22.08 -7.39 -17.49
CA ASP A 142 -21.27 -7.09 -18.69
C ASP A 142 -20.58 -5.72 -18.66
N GLN A 143 -20.57 -5.04 -17.50
CA GLN A 143 -19.85 -3.78 -17.30
C GLN A 143 -18.80 -3.92 -16.20
N VAL A 144 -17.95 -2.91 -16.07
CA VAL A 144 -17.02 -2.78 -14.93
C VAL A 144 -17.25 -1.40 -14.31
N TYR A 145 -17.52 -1.37 -13.02
CA TYR A 145 -17.96 -0.15 -12.34
C TYR A 145 -16.97 0.34 -11.27
N PHE A 146 -16.86 1.66 -11.17
CA PHE A 146 -16.06 2.35 -10.17
C PHE A 146 -17.08 2.84 -9.16
N LEU A 147 -17.10 2.21 -7.98
CA LEU A 147 -18.04 2.58 -6.93
C LEU A 147 -17.28 3.22 -5.79
N GLU A 148 -17.52 4.51 -5.61
CA GLU A 148 -16.95 5.30 -4.54
C GLU A 148 -17.21 4.64 -3.18
N ALA A 149 -16.22 4.71 -2.27
CA ALA A 149 -16.32 4.06 -0.95
C ALA A 149 -17.56 4.49 -0.17
N ASP A 150 -17.86 5.79 -0.16
CA ASP A 150 -19.10 6.35 0.39
C ASP A 150 -20.33 5.54 0.00
N LYS A 151 -20.53 5.44 -1.33
CA LYS A 151 -21.64 4.71 -1.89
C LYS A 151 -21.65 3.23 -1.46
N LEU A 152 -20.49 2.60 -1.37
CA LEU A 152 -20.44 1.25 -0.82
C LEU A 152 -20.89 1.17 0.66
N PHE A 153 -20.51 2.19 1.43
CA PHE A 153 -20.84 2.21 2.85
C PHE A 153 -22.37 2.23 3.09
N TYR A 154 -23.07 3.05 2.30
CA TYR A 154 -24.52 3.05 2.27
C TYR A 154 -25.12 1.66 2.06
N PHE A 155 -24.68 0.94 1.03
CA PHE A 155 -25.22 -0.38 0.79
C PHE A 155 -24.87 -1.37 1.91
N TRP A 156 -23.69 -1.19 2.48
CA TRP A 156 -23.18 -2.06 3.54
C TRP A 156 -23.93 -1.83 4.83
N ASP A 157 -24.13 -0.56 5.17
CA ASP A 157 -24.87 -0.18 6.35
C ASP A 157 -26.29 -0.77 6.33
N ARG A 158 -27.04 -0.54 5.24
CA ARG A 158 -28.44 -0.97 5.14
C ARG A 158 -28.65 -2.50 5.04
N LYS A 159 -27.57 -3.26 5.07
CA LYS A 159 -27.58 -4.70 4.80
C LYS A 159 -28.50 -5.60 5.65
N GLU A 160 -28.53 -5.39 6.97
CA GLU A 160 -29.25 -6.33 7.86
C GLU A 160 -30.49 -5.73 8.56
N LYS A 161 -31.16 -4.78 7.91
CA LYS A 161 -32.19 -3.99 8.59
C LYS A 161 -33.32 -3.44 7.69
N ASN A 162 -33.90 -4.22 6.77
CA ASN A 162 -33.82 -5.69 6.68
C ASN A 162 -32.88 -6.23 5.59
N GLY A 163 -33.23 -7.41 5.05
CA GLY A 163 -32.33 -8.26 4.27
C GLY A 163 -31.85 -7.89 2.88
N ARG A 164 -31.71 -6.59 2.59
CA ARG A 164 -31.12 -6.13 1.32
C ARG A 164 -29.61 -6.40 1.29
N LYS A 165 -29.27 -7.64 0.91
CA LYS A 165 -27.92 -8.24 0.96
C LYS A 165 -27.19 -8.16 -0.39
N SER A 166 -27.81 -7.48 -1.35
CA SER A 166 -27.31 -7.36 -2.72
C SER A 166 -27.41 -5.93 -3.21
N ILE A 167 -26.53 -5.56 -4.13
CA ILE A 167 -26.68 -4.29 -4.87
C ILE A 167 -27.27 -4.69 -6.21
N ARG A 168 -28.46 -4.15 -6.52
CA ARG A 168 -29.14 -4.46 -7.80
C ARG A 168 -28.44 -3.78 -8.95
N LYS A 169 -28.58 -4.40 -10.12
CA LYS A 169 -28.10 -3.81 -11.37
C LYS A 169 -28.44 -2.32 -11.47
N ASP A 170 -29.71 -1.97 -11.35
CA ASP A 170 -30.16 -0.58 -11.41
C ASP A 170 -29.60 0.31 -10.30
N GLU A 171 -29.40 -0.27 -9.11
CA GLU A 171 -28.78 0.45 -8.00
C GLU A 171 -27.32 0.78 -8.30
N LEU A 172 -26.64 -0.18 -8.93
CA LEU A 172 -25.25 0.01 -9.34
C LEU A 172 -25.12 1.01 -10.50
N GLU A 173 -25.97 0.89 -11.53
CA GLU A 173 -25.93 1.84 -12.65
C GLU A 173 -26.19 3.27 -12.16
N GLU A 174 -26.98 3.38 -11.11
CA GLU A 174 -27.35 4.67 -10.53
C GLU A 174 -26.22 5.35 -9.70
N THR A 175 -25.37 4.55 -9.06
CA THR A 175 -24.40 5.08 -8.10
C THR A 175 -22.92 4.95 -8.50
N ALA A 176 -22.64 4.09 -9.48
CA ALA A 176 -21.28 3.82 -9.91
C ALA A 176 -21.02 4.40 -11.29
N TYR A 177 -19.74 4.58 -11.63
CA TYR A 177 -19.32 5.08 -12.93
C TYR A 177 -18.79 3.93 -13.75
N PRO A 178 -19.27 3.79 -15.00
CA PRO A 178 -18.73 2.78 -15.91
C PRO A 178 -17.26 3.08 -16.22
N ILE A 179 -16.41 2.07 -16.04
CA ILE A 179 -15.01 2.23 -16.42
C ILE A 179 -14.88 1.90 -17.91
N SER A 180 -14.04 2.67 -18.62
CA SER A 180 -13.77 2.44 -20.04
C SER A 180 -12.87 1.25 -20.21
N LEU A 181 -13.34 0.30 -21.01
CA LEU A 181 -12.57 -0.90 -21.25
C LEU A 181 -11.80 -0.80 -22.56
N GLY A 182 -10.62 -1.37 -22.58
CA GLY A 182 -9.76 -1.19 -23.73
C GLY A 182 -8.74 -2.27 -23.88
N TYR A 183 -7.89 -2.10 -24.88
CA TYR A 183 -6.82 -3.01 -25.14
C TYR A 183 -5.68 -2.83 -24.13
N ALA A 184 -5.22 -1.60 -23.98
CA ALA A 184 -4.13 -1.25 -23.05
C ALA A 184 -4.27 0.22 -22.63
N PRO A 185 -4.66 0.48 -21.35
CA PRO A 185 -4.93 -0.50 -20.28
C PRO A 185 -6.32 -1.15 -20.42
N ARG A 186 -6.49 -2.36 -19.91
CA ARG A 186 -7.79 -3.06 -19.99
C ARG A 186 -8.94 -2.37 -19.30
N ILE A 187 -8.71 -2.00 -18.04
CA ILE A 187 -9.70 -1.37 -17.20
C ILE A 187 -9.15 0.01 -16.79
N ASP A 188 -9.59 1.03 -17.49
CA ASP A 188 -8.98 2.34 -17.31
C ASP A 188 -9.57 3.13 -16.11
N TYR A 189 -9.37 2.64 -14.90
CA TYR A 189 -9.92 3.32 -13.69
C TYR A 189 -9.19 4.61 -13.31
N ILE A 190 -7.91 4.71 -13.65
CA ILE A 190 -7.15 5.94 -13.45
C ILE A 190 -7.85 7.11 -14.14
N SER A 191 -8.42 6.86 -15.30
CA SER A 191 -9.13 7.95 -15.97
C SER A 191 -10.36 8.42 -15.20
N ILE A 192 -10.99 7.52 -14.44
CA ILE A 192 -12.07 7.88 -13.53
C ILE A 192 -11.56 8.67 -12.30
N ILE A 193 -10.40 8.28 -11.79
CA ILE A 193 -9.74 8.99 -10.71
C ILE A 193 -9.38 10.41 -11.16
N GLU A 194 -8.75 10.50 -12.34
CA GLU A 194 -8.40 11.78 -12.94
C GLU A 194 -9.62 12.71 -13.03
N GLN A 195 -10.73 12.16 -13.53
CA GLN A 195 -11.97 12.90 -13.67
C GLN A 195 -12.54 13.38 -12.35
N LEU A 196 -12.61 12.49 -11.36
CA LEU A 196 -13.26 12.81 -10.09
C LEU A 196 -12.43 13.63 -9.12
N TYR A 197 -11.11 13.54 -9.22
CA TYR A 197 -10.24 14.06 -8.17
C TYR A 197 -9.23 15.08 -8.64
N PHE A 198 -8.96 15.10 -9.94
CA PHE A 198 -7.95 15.96 -10.51
C PHE A 198 -8.58 16.86 -11.56
N SER A 199 -9.87 17.14 -11.35
CA SER A 199 -10.72 18.00 -12.20
C SER A 199 -11.08 17.33 -13.52
N THR B 34 12.21 -7.93 16.03
CA THR B 34 12.09 -6.84 17.06
C THR B 34 11.69 -5.49 16.45
N LEU B 35 12.44 -5.01 15.46
CA LEU B 35 12.08 -3.81 14.70
C LEU B 35 10.72 -3.99 14.02
N GLU B 36 10.48 -5.16 13.44
CA GLU B 36 9.21 -5.48 12.81
C GLU B 36 8.05 -5.47 13.82
N ASP B 37 8.31 -6.03 15.01
CA ASP B 37 7.32 -6.10 16.08
C ASP B 37 6.99 -4.70 16.59
N ASP B 38 8.03 -3.88 16.73
CA ASP B 38 7.92 -2.51 17.22
C ASP B 38 7.18 -1.64 16.21
N LEU B 39 7.40 -1.93 14.93
CA LEU B 39 6.74 -1.24 13.82
C LEU B 39 5.29 -1.66 13.73
N ASN B 40 5.02 -2.95 13.94
CA ASN B 40 3.66 -3.49 14.06
C ASN B 40 2.88 -2.71 15.11
N GLU B 41 3.43 -2.61 16.32
CA GLU B 41 2.75 -1.92 17.41
C GLU B 41 2.62 -0.44 17.16
N THR B 42 3.65 0.13 16.52
CA THR B 42 3.65 1.52 16.14
C THR B 42 2.49 1.83 15.17
N ASN B 43 2.36 1.01 14.14
CA ASN B 43 1.32 1.17 13.14
C ASN B 43 -0.12 0.98 13.69
N LYS B 44 -0.32 -0.05 14.54
CA LYS B 44 -1.59 -0.23 15.28
C LYS B 44 -1.91 1.00 16.09
N TYR B 45 -0.91 1.53 16.78
CA TYR B 45 -1.10 2.78 17.52
C TYR B 45 -1.57 3.94 16.63
N TYR B 46 -0.93 4.09 15.47
CA TYR B 46 -1.36 5.13 14.54
C TYR B 46 -2.79 4.89 14.02
N LEU B 47 -3.11 3.65 13.67
CA LEU B 47 -4.46 3.28 13.26
C LEU B 47 -5.52 3.60 14.35
N THR B 48 -5.32 3.02 15.54
CA THR B 48 -6.22 3.22 16.69
C THR B 48 -6.48 4.69 16.96
N ASN B 49 -5.45 5.51 16.84
CA ASN B 49 -5.58 6.92 17.13
C ASN B 49 -5.93 7.76 15.92
N GLN B 50 -6.23 7.10 14.79
CA GLN B 50 -6.51 7.79 13.52
C GLN B 50 -5.45 8.81 13.17
N ILE B 51 -4.19 8.44 13.33
CA ILE B 51 -3.11 9.33 12.90
C ILE B 51 -2.74 9.01 11.45
N ALA B 52 -2.73 7.73 11.10
CA ALA B 52 -2.25 7.26 9.82
C ALA B 52 -2.79 5.88 9.68
N VAL B 53 -2.87 5.40 8.43
CA VAL B 53 -3.26 4.03 8.13
C VAL B 53 -2.12 3.34 7.36
N ILE B 54 -1.20 2.72 8.10
CA ILE B 54 -0.01 2.11 7.54
C ILE B 54 0.10 0.64 7.95
N HIS B 55 0.33 -0.24 6.96
CA HIS B 55 0.45 -1.67 7.19
C HIS B 55 1.67 -2.29 6.51
N LYS B 56 2.22 -3.32 7.13
CA LYS B 56 3.24 -4.12 6.50
C LYS B 56 2.52 -5.04 5.51
N LYS B 57 3.04 -5.12 4.30
CA LYS B 57 2.53 -6.07 3.32
C LYS B 57 2.85 -7.50 3.76
N PRO B 58 1.95 -8.45 3.48
CA PRO B 58 2.31 -9.87 3.63
C PRO B 58 3.52 -10.22 2.79
N THR B 59 4.34 -11.14 3.27
CA THR B 59 5.44 -11.64 2.44
C THR B 59 4.87 -12.58 1.38
N PRO B 60 5.34 -12.46 0.12
CA PRO B 60 4.88 -13.34 -0.95
C PRO B 60 5.33 -14.79 -0.73
N VAL B 61 4.42 -15.71 -1.02
CA VAL B 61 4.65 -17.15 -0.85
C VAL B 61 4.17 -17.84 -2.12
N GLN B 62 5.04 -18.64 -2.73
CA GLN B 62 4.63 -19.50 -3.83
C GLN B 62 4.27 -20.86 -3.26
N ILE B 63 2.98 -21.17 -3.22
CA ILE B 63 2.48 -22.40 -2.61
C ILE B 63 2.76 -23.64 -3.50
N ILE B 76 3.33 -30.57 -4.97
CA ILE B 76 3.15 -30.35 -3.54
C ILE B 76 2.61 -28.95 -3.21
N LYS B 77 1.43 -28.91 -2.58
CA LYS B 77 0.83 -27.68 -2.10
C LYS B 77 1.50 -27.27 -0.78
N GLU B 78 2.73 -26.76 -0.88
CA GLU B 78 3.54 -26.43 0.31
C GLU B 78 3.91 -24.93 0.46
N ALA B 79 5.20 -24.61 0.45
CA ALA B 79 5.65 -23.22 0.68
C ALA B 79 7.05 -22.93 0.15
N TYR B 80 7.16 -21.90 -0.69
CA TYR B 80 8.45 -21.35 -1.13
C TYR B 80 8.36 -19.83 -1.14
N PHE B 81 9.17 -19.19 -0.30
CA PHE B 81 9.23 -17.74 -0.21
C PHE B 81 9.83 -17.14 -1.49
N LYS B 82 9.09 -16.25 -2.13
CA LYS B 82 9.62 -15.43 -3.22
C LYS B 82 9.74 -13.99 -2.74
N GLN B 83 10.75 -13.27 -3.22
CA GLN B 83 10.95 -11.88 -2.83
C GLN B 83 10.18 -10.92 -3.74
N SER B 84 9.57 -9.90 -3.13
CA SER B 84 8.71 -8.96 -3.86
C SER B 84 9.49 -7.92 -4.65
N SER B 85 8.81 -7.31 -5.63
CA SER B 85 9.35 -6.21 -6.41
C SER B 85 9.06 -4.88 -5.71
N THR B 86 8.72 -4.95 -4.43
CA THR B 86 8.22 -3.79 -3.71
C THR B 86 8.78 -3.74 -2.28
N THR B 87 8.74 -2.57 -1.66
CA THR B 87 9.06 -2.42 -0.22
C THR B 87 7.93 -2.97 0.67
N ASP B 88 8.23 -3.22 1.93
CA ASP B 88 7.27 -3.87 2.85
C ASP B 88 6.19 -3.02 3.52
N TYR B 89 6.34 -1.71 3.58
CA TYR B 89 5.37 -0.87 4.28
C TYR B 89 4.84 0.21 3.38
N ASN B 90 3.53 0.38 3.39
CA ASN B 90 2.91 1.57 2.80
C ASN B 90 1.57 1.90 3.43
N GLY B 91 1.05 3.05 3.07
CA GLY B 91 -0.21 3.47 3.62
C GLY B 91 -0.38 4.93 3.38
N ILE B 92 -1.19 5.54 4.23
CA ILE B 92 -1.59 6.91 4.06
C ILE B 92 -1.41 7.69 5.34
N TYR B 93 -1.02 8.95 5.18
CA TYR B 93 -1.00 9.91 6.26
C TYR B 93 -1.36 11.27 5.67
N LYS B 94 -2.42 11.88 6.21
CA LYS B 94 -2.88 13.19 5.73
C LYS B 94 -2.98 13.33 4.19
N GLY B 95 -3.68 12.38 3.56
CA GLY B 95 -3.89 12.40 2.11
C GLY B 95 -2.71 12.00 1.24
N ARG B 96 -1.55 11.76 1.85
CA ARG B 96 -0.34 11.37 1.10
C ARG B 96 0.01 9.89 1.21
N TYR B 97 0.67 9.41 0.18
CA TYR B 97 1.09 8.04 0.10
C TYR B 97 2.45 7.86 0.80
N ILE B 98 2.51 6.94 1.76
CA ILE B 98 3.75 6.70 2.53
C ILE B 98 4.25 5.29 2.20
N ASP B 99 5.56 5.13 2.08
CA ASP B 99 6.14 3.89 1.63
C ASP B 99 7.55 3.80 2.21
N PHE B 100 7.87 2.67 2.82
CA PHE B 100 9.15 2.51 3.46
C PHE B 100 9.55 1.07 3.62
N GLU B 101 10.86 0.88 3.76
CA GLU B 101 11.44 -0.39 4.14
C GLU B 101 12.05 -0.19 5.52
N ALA B 102 12.22 -1.27 6.28
CA ALA B 102 12.86 -1.25 7.59
C ALA B 102 13.88 -2.37 7.72
N LYS B 103 15.10 -2.05 8.15
CA LYS B 103 16.19 -3.03 8.29
C LYS B 103 16.96 -2.91 9.62
N GLU B 104 17.25 -4.06 10.23
CA GLU B 104 18.02 -4.14 11.48
C GLU B 104 19.36 -4.81 11.20
N THR B 105 20.44 -4.10 11.46
CA THR B 105 21.78 -4.72 11.47
C THR B 105 22.41 -4.71 12.86
N LYS B 106 23.01 -5.83 13.24
CA LYS B 106 23.77 -5.87 14.49
C LYS B 106 25.27 -5.57 14.27
N ASN B 107 25.60 -5.09 13.08
CA ASN B 107 26.96 -4.59 12.78
C ASN B 107 27.27 -3.33 13.57
N LYS B 108 28.54 -3.18 13.98
CA LYS B 108 28.96 -2.06 14.83
C LYS B 108 29.67 -0.94 14.08
N THR B 109 30.05 -1.20 12.84
CA THR B 109 30.83 -0.24 12.06
C THR B 109 30.01 0.37 10.93
N SER B 110 29.41 -0.51 10.13
CA SER B 110 28.71 -0.11 8.93
C SER B 110 27.26 -0.59 8.89
N PHE B 111 26.52 -0.14 7.88
CA PHE B 111 25.24 -0.75 7.53
C PHE B 111 25.37 -1.30 6.12
N PRO B 112 25.43 -2.64 5.99
CA PRO B 112 25.61 -3.26 4.67
C PRO B 112 24.42 -2.98 3.76
N LEU B 113 24.70 -2.74 2.48
CA LEU B 113 23.65 -2.48 1.51
C LEU B 113 23.02 -3.75 0.91
N GLN B 114 23.53 -4.92 1.33
CA GLN B 114 22.94 -6.22 0.96
C GLN B 114 21.53 -6.36 1.49
N ASN B 115 21.17 -5.49 2.44
CA ASN B 115 19.86 -5.47 3.06
C ASN B 115 18.72 -5.03 2.13
N PHE B 116 19.06 -4.30 1.07
CA PHE B 116 18.07 -3.89 0.05
C PHE B 116 18.37 -4.52 -1.30
N HIS B 117 17.35 -5.11 -1.91
CA HIS B 117 17.43 -5.63 -3.28
C HIS B 117 17.16 -4.51 -4.28
N ASP B 118 17.61 -4.72 -5.52
CA ASP B 118 17.51 -3.72 -6.60
C ASP B 118 16.06 -3.34 -6.91
N HIS B 119 15.18 -4.34 -6.88
CA HIS B 119 13.76 -4.14 -7.15
C HIS B 119 13.12 -3.17 -6.17
N GLN B 120 13.46 -3.31 -4.90
CA GLN B 120 12.98 -2.41 -3.85
C GLN B 120 13.42 -0.96 -4.10
N ILE B 121 14.69 -0.78 -4.45
CA ILE B 121 15.26 0.52 -4.81
C ILE B 121 14.52 1.16 -5.98
N GLU B 122 14.40 0.42 -7.08
CA GLU B 122 13.71 0.96 -8.26
C GLU B 122 12.25 1.34 -7.93
N HIS B 123 11.58 0.51 -7.13
CA HIS B 123 10.23 0.84 -6.61
C HIS B 123 10.23 2.19 -5.85
N MET B 124 11.21 2.38 -4.96
CA MET B 124 11.36 3.63 -4.20
C MET B 124 11.53 4.87 -5.07
N LYS B 125 12.35 4.77 -6.11
CA LYS B 125 12.53 5.86 -7.09
C LYS B 125 11.23 6.21 -7.78
N GLN B 126 10.49 5.18 -8.18
CA GLN B 126 9.17 5.37 -8.80
C GLN B 126 8.20 6.08 -7.87
N VAL B 127 8.15 5.66 -6.60
CA VAL B 127 7.27 6.31 -5.60
C VAL B 127 7.66 7.77 -5.42
N LYS B 128 8.94 8.04 -5.24
CA LYS B 128 9.46 9.40 -5.11
C LYS B 128 9.07 10.23 -6.36
N ALA B 129 9.40 9.74 -7.55
CA ALA B 129 8.98 10.39 -8.80
C ALA B 129 7.46 10.60 -8.95
N GLN B 130 6.65 9.75 -8.29
CA GLN B 130 5.19 9.94 -8.28
C GLN B 130 4.75 10.92 -7.20
N ASP B 131 5.73 11.58 -6.58
CA ASP B 131 5.52 12.55 -5.48
C ASP B 131 5.05 11.89 -4.17
N GLY B 132 5.56 10.67 -3.91
CA GLY B 132 5.30 9.99 -2.66
C GLY B 132 6.32 10.35 -1.60
N ILE B 133 6.01 10.00 -0.36
CA ILE B 133 6.92 10.13 0.77
C ILE B 133 7.51 8.75 0.99
N CYS B 134 8.82 8.65 0.80
CA CYS B 134 9.48 7.38 0.75
C CYS B 134 10.78 7.46 1.55
N PHE B 135 11.13 6.38 2.26
CA PHE B 135 12.28 6.39 3.16
C PHE B 135 12.61 5.00 3.63
N VAL B 136 13.63 4.88 4.47
CA VAL B 136 13.97 3.63 5.14
C VAL B 136 14.15 3.88 6.64
N ILE B 137 13.76 2.91 7.44
CA ILE B 137 13.97 2.96 8.87
C ILE B 137 15.08 1.96 9.16
N ILE B 138 16.13 2.44 9.81
CA ILE B 138 17.31 1.62 10.09
C ILE B 138 17.54 1.44 11.58
N SER B 139 17.56 0.19 12.01
CA SER B 139 17.92 -0.15 13.37
C SER B 139 19.39 -0.59 13.41
N ALA B 140 20.25 0.32 13.84
CA ALA B 140 21.69 0.07 13.90
C ALA B 140 22.34 0.95 14.96
N PHE B 141 23.43 0.43 15.53
CA PHE B 141 24.32 1.18 16.42
C PHE B 141 23.62 1.62 17.69
N ASP B 142 22.82 0.70 18.24
CA ASP B 142 21.89 0.97 19.35
C ASP B 142 20.93 2.14 19.10
N GLN B 143 20.71 2.49 17.85
CA GLN B 143 19.75 3.53 17.52
C GLN B 143 18.79 3.12 16.40
N VAL B 144 17.80 3.97 16.16
CA VAL B 144 16.86 3.79 15.06
C VAL B 144 16.91 5.07 14.22
N TYR B 145 17.11 4.90 12.91
CA TYR B 145 17.25 6.03 11.97
C TYR B 145 16.20 6.09 10.87
N PHE B 146 15.77 7.32 10.57
CA PHE B 146 14.92 7.67 9.45
C PHE B 146 15.86 8.21 8.37
N LEU B 147 16.07 7.44 7.30
CA LEU B 147 16.88 7.86 6.15
C LEU B 147 16.01 8.15 4.92
N GLU B 148 15.91 9.42 4.53
CA GLU B 148 15.23 9.83 3.30
C GLU B 148 15.69 9.00 2.12
N ALA B 149 14.77 8.68 1.21
CA ALA B 149 15.09 7.86 0.05
C ALA B 149 16.07 8.61 -0.86
N ASP B 150 15.91 9.93 -0.95
CA ASP B 150 16.94 10.88 -1.41
C ASP B 150 18.35 10.42 -1.08
N LYS B 151 18.59 10.27 0.23
CA LYS B 151 19.90 9.92 0.75
C LYS B 151 20.29 8.48 0.47
N LEU B 152 19.32 7.55 0.49
CA LEU B 152 19.62 6.16 0.20
C LEU B 152 20.02 5.93 -1.26
N PHE B 153 19.45 6.74 -2.16
CA PHE B 153 19.76 6.61 -3.60
C PHE B 153 21.23 6.94 -3.85
N TYR B 154 21.73 7.99 -3.17
CA TYR B 154 23.16 8.32 -3.20
C TYR B 154 24.07 7.13 -2.85
N PHE B 155 23.91 6.56 -1.65
CA PHE B 155 24.75 5.44 -1.21
C PHE B 155 24.59 4.22 -2.10
N TRP B 156 23.40 4.04 -2.67
CA TRP B 156 23.14 2.96 -3.62
C TRP B 156 23.84 3.20 -4.96
N ASP B 157 23.75 4.44 -5.47
CA ASP B 157 24.38 4.85 -6.71
C ASP B 157 25.89 5.04 -6.58
N ARG B 158 26.39 5.14 -5.35
CA ARG B 158 27.83 5.14 -5.08
C ARG B 158 28.43 3.73 -5.18
N LYS B 159 27.67 2.82 -5.78
CA LYS B 159 28.17 1.51 -6.20
C LYS B 159 27.99 1.37 -7.71
N GLU B 160 26.92 1.99 -8.21
CA GLU B 160 26.56 1.93 -9.64
C GLU B 160 27.12 3.15 -10.40
N LYS B 161 28.28 3.63 -9.96
CA LYS B 161 29.01 4.74 -10.58
C LYS B 161 30.46 4.64 -10.09
N ASN B 162 30.60 4.32 -8.81
CA ASN B 162 31.88 3.96 -8.21
C ASN B 162 31.85 2.47 -7.86
N GLY B 163 32.22 2.14 -6.62
CA GLY B 163 32.21 0.75 -6.18
C GLY B 163 32.56 0.54 -4.72
N ARG B 164 31.53 0.26 -3.91
CA ARG B 164 31.69 -0.26 -2.54
C ARG B 164 30.56 -1.28 -2.25
N LYS B 165 29.55 -1.00 -1.41
CA LYS B 165 29.45 0.09 -0.43
C LYS B 165 28.57 -0.36 0.74
N SER B 166 28.81 0.26 1.89
CA SER B 166 27.98 0.11 3.07
C SER B 166 27.84 1.52 3.64
N ILE B 167 26.95 1.69 4.60
CA ILE B 167 26.86 2.96 5.26
C ILE B 167 27.42 2.93 6.65
N ARG B 168 28.16 3.97 6.99
CA ARG B 168 29.15 3.90 8.04
C ARG B 168 28.70 4.82 9.14
N LYS B 169 28.79 4.34 10.37
CA LYS B 169 28.21 5.06 11.47
C LYS B 169 28.16 6.54 11.14
N ASP B 170 29.29 7.12 10.79
CA ASP B 170 29.36 8.57 10.61
C ASP B 170 28.59 9.06 9.39
N GLU B 171 28.60 8.27 8.33
CA GLU B 171 27.87 8.61 7.09
C GLU B 171 26.36 8.64 7.37
N LEU B 172 25.88 7.62 8.10
CA LEU B 172 24.49 7.53 8.51
C LEU B 172 24.11 8.59 9.55
N GLU B 173 24.89 8.67 10.63
CA GLU B 173 24.62 9.61 11.74
C GLU B 173 24.57 11.05 11.22
N GLU B 174 25.28 11.29 10.12
CA GLU B 174 25.34 12.61 9.50
C GLU B 174 24.17 12.87 8.56
N THR B 175 23.65 11.82 7.93
CA THR B 175 22.56 11.95 6.93
C THR B 175 21.15 11.59 7.39
N ALA B 176 21.03 10.68 8.38
CA ALA B 176 19.74 10.18 8.86
C ALA B 176 19.22 10.94 10.07
N TYR B 177 17.94 10.73 10.39
CA TYR B 177 17.32 11.35 11.56
C TYR B 177 17.07 10.31 12.65
N PRO B 178 17.54 10.60 13.88
CA PRO B 178 17.32 9.67 14.97
C PRO B 178 15.83 9.66 15.29
N ILE B 179 15.25 8.48 15.41
CA ILE B 179 13.83 8.41 15.72
C ILE B 179 13.65 8.27 17.22
N SER B 180 12.70 9.04 17.76
CA SER B 180 12.31 9.00 19.16
C SER B 180 11.71 7.64 19.48
N LEU B 181 12.36 6.92 20.39
CA LEU B 181 11.80 5.67 20.90
C LEU B 181 10.90 5.95 22.08
N GLY B 182 9.79 5.25 22.18
CA GLY B 182 8.84 5.54 23.25
C GLY B 182 7.96 4.37 23.61
N TYR B 183 6.98 4.67 24.43
CA TYR B 183 5.98 3.70 24.83
C TYR B 183 4.94 3.53 23.71
N ALA B 184 4.31 4.65 23.35
CA ALA B 184 3.23 4.66 22.36
C ALA B 184 3.28 6.00 21.66
N PRO B 185 3.71 6.05 20.38
CA PRO B 185 4.18 4.94 19.55
C PRO B 185 5.61 4.53 19.92
N ARG B 186 5.96 3.27 19.66
CA ARG B 186 7.29 2.79 19.94
C ARG B 186 8.34 3.51 19.12
N ILE B 187 8.10 3.59 17.81
CA ILE B 187 9.01 4.22 16.86
C ILE B 187 8.26 5.36 16.15
N ASP B 188 8.45 6.57 16.68
CA ASP B 188 7.70 7.69 16.16
C ASP B 188 8.20 8.31 14.84
N TYR B 189 8.12 7.52 13.76
CA TYR B 189 8.56 7.99 12.43
C TYR B 189 7.64 9.05 11.83
N ILE B 190 6.37 9.05 12.23
CA ILE B 190 5.41 10.04 11.72
C ILE B 190 5.78 11.45 12.14
N SER B 191 6.39 11.57 13.30
CA SER B 191 6.92 12.85 13.75
C SER B 191 7.98 13.40 12.79
N ILE B 192 8.92 12.55 12.37
CA ILE B 192 9.92 12.93 11.36
C ILE B 192 9.27 13.28 10.01
N ILE B 193 8.28 12.49 9.58
CA ILE B 193 7.51 12.78 8.36
C ILE B 193 6.89 14.18 8.43
N GLU B 194 6.23 14.47 9.56
CA GLU B 194 5.66 15.78 9.87
C GLU B 194 6.65 16.93 9.71
N GLN B 195 7.85 16.79 10.28
CA GLN B 195 8.87 17.84 10.21
C GLN B 195 9.28 18.09 8.78
N LEU B 196 9.66 17.01 8.10
CA LEU B 196 10.29 17.10 6.78
C LEU B 196 9.31 17.46 5.65
N TYR B 197 8.12 16.86 5.65
CA TYR B 197 7.22 16.97 4.49
C TYR B 197 5.93 17.76 4.72
N PHE B 198 5.65 18.18 5.94
CA PHE B 198 4.35 18.81 6.21
C PHE B 198 4.39 20.21 6.80
N SER B 199 5.22 20.41 7.82
CA SER B 199 5.28 21.70 8.50
C SER B 199 6.55 21.87 9.32
N PRO B 200 7.70 22.13 8.64
CA PRO B 200 8.95 22.41 9.37
C PRO B 200 8.92 23.74 10.15
#